data_5IV3
#
_entry.id   5IV3
#
_cell.length_a   100.032
_cell.length_b   100.032
_cell.length_c   98.658
_cell.angle_alpha   90.00
_cell.angle_beta   90.00
_cell.angle_gamma   120.00
#
_symmetry.space_group_name_H-M   'P 63'
#
loop_
_entity.id
_entity.type
_entity.pdbx_description
1 polymer 'Adenylate cyclase type 10'
2 non-polymer 'ACETATE ION'
3 non-polymer GLYCEROL
4 non-polymer 6-chloro-N~4~-cyclopropyl-N~4~-[(thiophen-2-yl)methyl]pyrimidine-2,4-diamine
5 non-polymer 'DIPHOSPHOMETHYLPHOSPHONIC ACID ADENOSYL ESTER'
6 non-polymer 'CALCIUM ION'
7 non-polymer DI(HYDROXYETHYL)ETHER
8 non-polymer 1,2-ETHANEDIOL
9 non-polymer 'CHLORIDE ION'
10 water water
#
_entity_poly.entity_id   1
_entity_poly.type   'polypeptide(L)'
_entity_poly.pdbx_seq_one_letter_code
;MNTPKEEFQDWPIVRIAAHLPDLIVYGHFSPERPFMDYFDGVLMFVDISGFTAMTEKFSSAMYMDRGAEQLVEILNYHIS
AIVEKVLIFGGDILKFAGDALLALWRVERKQLKNIITVVIKCSLEIHGLFETQEWEEGLDIRVKIGLAAGHISMLVFGDE
THSHFLVIGQAVDDVRLAQNMAQMNDVILSPNCWQLCDRSMIEIESVPDQRAVKVNFLKPPPNFNFDEFFTKCTTFMHYY
PSGEHKNLLRLA(CME)TLKPDPELEMSLQKYVMESILKQIDNKQLQGYLSELRPVTIVFVNLMFEDQDKAEEIGPAIQD
AYMHITSVLKIFQGQINKVFMFDKGCSFLCVFGFPGEKVPDELTHALECAMDIFDFCSQVHKIQTVSIGVASGIVFCGIV
GHTVRHEYTVIGQKVNLAARMMMYYPGIVTCDSVTYNGSNLPAYFFKELPKKVMKGVADSGPLYQYWGRTEKVHHHHHH
;
_entity_poly.pdbx_strand_id   A
#
# COMPACT_ATOMS: atom_id res chain seq x y z
N MET A 1 -14.22 -48.78 -5.47
CA MET A 1 -14.57 -47.44 -6.12
C MET A 1 -13.52 -46.46 -5.71
N ASN A 2 -12.86 -45.89 -6.70
CA ASN A 2 -11.71 -44.98 -6.46
C ASN A 2 -12.05 -43.69 -5.78
N THR A 3 -11.07 -43.13 -5.07
CA THR A 3 -11.22 -41.83 -4.40
C THR A 3 -10.00 -40.97 -4.78
N PRO A 4 -9.98 -40.40 -6.02
CA PRO A 4 -8.80 -39.65 -6.52
C PRO A 4 -8.60 -38.29 -5.78
N LYS A 5 -7.36 -37.78 -5.78
CA LYS A 5 -6.97 -36.61 -4.96
C LYS A 5 -7.39 -35.28 -5.56
N GLU A 6 -6.95 -34.20 -4.90
CA GLU A 6 -6.97 -32.81 -5.39
C GLU A 6 -8.37 -32.22 -5.45
N GLU A 7 -8.72 -31.40 -4.44
CA GLU A 7 -9.74 -30.37 -4.65
C GLU A 7 -9.12 -29.33 -5.63
N PHE A 8 -9.79 -29.09 -6.78
CA PHE A 8 -9.35 -28.07 -7.76
C PHE A 8 -9.45 -26.73 -7.07
N GLN A 9 -8.45 -25.93 -7.35
CA GLN A 9 -8.13 -24.84 -6.50
C GLN A 9 -7.91 -23.54 -7.30
N ASP A 10 -7.81 -23.57 -8.64
CA ASP A 10 -7.25 -22.42 -9.34
C ASP A 10 -8.29 -21.63 -10.14
N TRP A 11 -9.49 -21.53 -9.58
CA TRP A 11 -10.59 -20.80 -10.25
C TRP A 11 -10.27 -19.30 -10.34
N PRO A 12 -10.83 -18.59 -11.34
CA PRO A 12 -10.74 -17.15 -11.42
C PRO A 12 -11.03 -16.40 -10.10
N ILE A 13 -12.04 -16.84 -9.34
CA ILE A 13 -12.38 -16.16 -8.08
C ILE A 13 -11.24 -16.27 -7.05
N VAL A 14 -10.57 -17.40 -7.05
CA VAL A 14 -9.41 -17.61 -6.17
C VAL A 14 -8.20 -16.73 -6.57
N ARG A 15 -7.99 -16.63 -7.86
CA ARG A 15 -6.91 -15.77 -8.36
C ARG A 15 -7.16 -14.29 -8.08
N ILE A 16 -8.40 -13.84 -8.22
CA ILE A 16 -8.78 -12.49 -7.90
C ILE A 16 -8.54 -12.27 -6.40
N ALA A 17 -8.92 -13.24 -5.58
CA ALA A 17 -8.76 -13.11 -4.11
C ALA A 17 -7.34 -13.02 -3.63
N ALA A 18 -6.38 -13.50 -4.40
CA ALA A 18 -4.98 -13.26 -4.09
C ALA A 18 -4.63 -11.76 -3.97
N HIS A 19 -5.38 -10.91 -4.72
CA HIS A 19 -5.13 -9.49 -4.73
C HIS A 19 -5.78 -8.69 -3.64
N LEU A 20 -6.52 -9.36 -2.74
CA LEU A 20 -7.28 -8.71 -1.70
C LEU A 20 -7.09 -9.36 -0.33
N PRO A 21 -7.25 -8.54 0.71
CA PRO A 21 -7.21 -9.10 2.05
C PRO A 21 -8.50 -9.77 2.42
N ASP A 22 -8.43 -10.60 3.46
CA ASP A 22 -9.63 -11.16 4.09
C ASP A 22 -10.70 -10.14 4.52
N LEU A 23 -10.24 -8.99 4.99
CA LEU A 23 -11.08 -7.86 5.35
C LEU A 23 -12.08 -7.58 4.23
N ILE A 24 -11.63 -7.70 2.96
CA ILE A 24 -12.52 -7.51 1.81
C ILE A 24 -13.13 -8.84 1.37
N VAL A 25 -12.33 -9.90 1.19
CA VAL A 25 -12.85 -11.16 0.64
C VAL A 25 -14.05 -11.74 1.40
N TYR A 26 -13.94 -11.69 2.73
CA TYR A 26 -14.94 -12.21 3.61
C TYR A 26 -15.76 -11.08 4.23
N GLY A 27 -15.73 -9.90 3.65
CA GLY A 27 -16.44 -8.77 4.21
C GLY A 27 -17.94 -8.71 4.06
N HIS A 28 -18.51 -9.33 3.05
CA HIS A 28 -20.01 -9.24 2.94
CA HIS A 28 -20.00 -9.20 2.84
C HIS A 28 -20.65 -7.90 3.46
N PHE A 29 -20.26 -6.73 2.95
CA PHE A 29 -20.90 -5.45 3.38
C PHE A 29 -21.68 -4.74 2.26
N SER A 30 -22.40 -3.70 2.63
CA SER A 30 -23.31 -3.03 1.72
C SER A 30 -22.62 -2.37 0.52
N PRO A 31 -23.28 -2.37 -0.65
CA PRO A 31 -22.56 -1.83 -1.79
C PRO A 31 -22.75 -0.28 -1.97
N GLU A 32 -23.50 0.38 -1.09
CA GLU A 32 -23.48 1.83 -0.92
C GLU A 32 -22.04 2.48 -0.73
N ARG A 33 -21.87 3.70 -1.22
CA ARG A 33 -20.56 4.31 -1.16
C ARG A 33 -20.72 5.76 -0.71
N PRO A 34 -19.96 6.24 0.28
CA PRO A 34 -18.98 5.52 1.06
C PRO A 34 -19.61 4.54 2.02
N PHE A 35 -18.85 3.49 2.36
CA PHE A 35 -19.24 2.55 3.37
C PHE A 35 -18.18 2.59 4.46
N MET A 36 -18.59 2.67 5.73
CA MET A 36 -17.66 2.73 6.85
CA MET A 36 -17.63 2.68 6.82
C MET A 36 -18.02 1.66 7.86
N ASP A 37 -17.01 1.06 8.47
CA ASP A 37 -17.18 0.05 9.52
C ASP A 37 -16.07 0.36 10.56
N TYR A 38 -16.17 -0.22 11.76
CA TYR A 38 -15.34 0.13 12.95
C TYR A 38 -14.99 -1.15 13.68
N PHE A 39 -13.72 -1.29 14.07
CA PHE A 39 -13.25 -2.46 14.81
C PHE A 39 -12.02 -2.15 15.59
N ASP A 40 -11.43 -3.15 16.23
CA ASP A 40 -10.15 -2.98 16.87
C ASP A 40 -9.18 -3.93 16.30
N GLY A 41 -7.91 -3.58 16.37
CA GLY A 41 -6.88 -4.58 16.08
C GLY A 41 -5.50 -4.09 16.23
N VAL A 42 -4.56 -4.93 15.82
CA VAL A 42 -3.16 -4.61 15.80
C VAL A 42 -2.69 -4.51 14.36
N LEU A 43 -1.88 -3.50 14.11
CA LEU A 43 -1.30 -3.24 12.80
C LEU A 43 0.18 -3.42 12.82
N MET A 44 0.72 -3.86 11.69
CA MET A 44 2.11 -3.96 11.43
C MET A 44 2.44 -3.37 10.06
N PHE A 45 3.32 -2.40 10.04
CA PHE A 45 3.79 -1.79 8.79
C PHE A 45 5.22 -2.13 8.62
N VAL A 46 5.48 -2.93 7.58
CA VAL A 46 6.79 -3.45 7.21
C VAL A 46 7.27 -2.69 5.98
N ASP A 47 8.35 -1.92 6.12
CA ASP A 47 8.88 -1.09 5.05
C ASP A 47 10.30 -1.49 4.79
N ILE A 48 10.54 -2.09 3.63
CA ILE A 48 11.91 -2.38 3.18
C ILE A 48 12.51 -1.06 2.68
N SER A 49 13.75 -0.83 3.03
CA SER A 49 14.55 0.27 2.51
C SER A 49 15.59 -0.41 1.58
N GLY A 50 15.64 0.07 0.33
CA GLY A 50 16.69 -0.16 -0.60
C GLY A 50 16.20 -0.64 -1.94
N PHE A 51 14.94 -1.05 -2.11
CA PHE A 51 14.63 -1.42 -3.46
C PHE A 51 14.53 -0.26 -4.44
N THR A 52 14.29 0.99 -3.97
CA THR A 52 14.18 2.07 -4.99
CA THR A 52 14.17 2.09 -4.93
C THR A 52 15.55 2.31 -5.63
N ALA A 53 16.63 2.35 -4.84
CA ALA A 53 18.01 2.26 -5.42
C ALA A 53 18.26 1.06 -6.32
N MET A 54 17.93 -0.13 -5.87
CA MET A 54 18.08 -1.31 -6.74
C MET A 54 17.37 -1.14 -8.04
N THR A 55 16.14 -0.62 -8.02
CA THR A 55 15.48 -0.25 -9.23
C THR A 55 16.35 0.57 -10.20
N GLU A 56 17.01 1.61 -9.73
CA GLU A 56 17.68 2.52 -10.67
C GLU A 56 18.84 1.75 -11.40
N LYS A 57 19.59 1.00 -10.60
CA LYS A 57 20.71 0.17 -11.10
C LYS A 57 20.25 -0.87 -12.16
N PHE A 58 19.06 -1.45 -11.96
CA PHE A 58 18.56 -2.52 -12.85
C PHE A 58 18.18 -2.06 -14.21
N SER A 59 18.07 -0.75 -14.44
CA SER A 59 18.00 -0.22 -15.85
C SER A 59 19.34 -0.20 -16.61
N SER A 60 20.48 -0.41 -15.94
CA SER A 60 21.76 -0.31 -16.61
C SER A 60 22.00 -1.45 -17.55
N ALA A 61 22.97 -1.23 -18.44
CA ALA A 61 23.22 -2.15 -19.51
C ALA A 61 23.71 -3.50 -19.02
N MET A 62 24.29 -3.58 -17.80
CA MET A 62 24.70 -4.86 -17.29
C MET A 62 23.54 -5.87 -17.13
N TYR A 63 22.29 -5.40 -17.05
CA TYR A 63 21.13 -6.31 -16.82
C TYR A 63 20.56 -6.76 -18.15
N MET A 64 21.16 -6.27 -19.22
CA MET A 64 20.92 -6.86 -20.52
C MET A 64 19.42 -6.92 -20.85
N ASP A 65 18.74 -5.80 -20.67
CA ASP A 65 17.30 -5.70 -20.96
C ASP A 65 16.40 -6.62 -20.18
N ARG A 66 16.89 -7.24 -19.11
CA ARG A 66 16.10 -8.08 -18.24
C ARG A 66 16.09 -7.51 -16.79
N GLY A 67 16.31 -6.20 -16.64
CA GLY A 67 16.24 -5.59 -15.30
C GLY A 67 14.88 -5.73 -14.62
N ALA A 68 13.77 -5.59 -15.33
CA ALA A 68 12.44 -5.74 -14.65
C ALA A 68 12.21 -7.15 -14.16
N GLU A 69 12.60 -8.11 -14.98
CA GLU A 69 12.45 -9.51 -14.61
C GLU A 69 13.32 -9.93 -13.40
N GLN A 70 14.54 -9.42 -13.38
CA GLN A 70 15.45 -9.71 -12.27
C GLN A 70 15.05 -8.96 -10.99
N LEU A 71 14.57 -7.71 -11.15
CA LEU A 71 14.09 -6.91 -10.00
CA LEU A 71 14.09 -6.91 -10.01
C LEU A 71 12.95 -7.60 -9.30
N VAL A 72 11.96 -7.97 -10.08
CA VAL A 72 10.76 -8.55 -9.51
C VAL A 72 11.01 -9.93 -8.91
N GLU A 73 11.90 -10.68 -9.53
CA GLU A 73 12.33 -11.95 -8.94
C GLU A 73 13.00 -11.78 -7.55
N ILE A 74 13.96 -10.89 -7.46
CA ILE A 74 14.70 -10.71 -6.20
C ILE A 74 13.81 -10.03 -5.14
N LEU A 75 12.96 -9.12 -5.57
CA LEU A 75 12.01 -8.53 -4.63
C LEU A 75 11.03 -9.55 -4.08
N ASN A 76 10.40 -10.32 -4.95
CA ASN A 76 9.46 -11.30 -4.50
C ASN A 76 10.02 -12.44 -3.70
N TYR A 77 11.27 -12.76 -3.97
CA TYR A 77 12.01 -13.77 -3.16
C TYR A 77 12.02 -13.35 -1.73
N HIS A 78 12.30 -12.09 -1.48
CA HIS A 78 12.30 -11.56 -0.09
C HIS A 78 10.89 -11.25 0.48
N ILE A 79 10.09 -10.52 -0.26
CA ILE A 79 8.76 -10.14 0.18
C ILE A 79 7.84 -11.36 0.35
N SER A 80 7.92 -12.38 -0.52
CA SER A 80 7.07 -13.55 -0.32
C SER A 80 7.37 -14.24 1.01
N ALA A 81 8.64 -14.27 1.44
CA ALA A 81 9.00 -14.84 2.75
C ALA A 81 8.38 -14.06 3.92
N ILE A 82 8.38 -12.76 3.80
CA ILE A 82 7.74 -11.90 4.81
C ILE A 82 6.23 -12.13 4.85
N VAL A 83 5.61 -12.19 3.66
CA VAL A 83 4.20 -12.46 3.58
C VAL A 83 3.88 -13.80 4.19
N GLU A 84 4.64 -14.84 3.90
CA GLU A 84 4.34 -16.13 4.52
C GLU A 84 4.38 -16.04 6.02
N LYS A 85 5.39 -15.37 6.58
CA LYS A 85 5.45 -15.17 8.08
C LYS A 85 4.25 -14.51 8.63
N VAL A 86 3.81 -13.42 7.97
CA VAL A 86 2.61 -12.74 8.42
C VAL A 86 1.42 -13.66 8.40
N LEU A 87 1.25 -14.40 7.30
CA LEU A 87 0.06 -15.26 7.18
C LEU A 87 0.06 -16.40 8.23
N ILE A 88 1.22 -17.01 8.45
CA ILE A 88 1.34 -18.10 9.43
C ILE A 88 1.09 -17.65 10.88
N PHE A 89 1.44 -16.41 11.17
CA PHE A 89 1.13 -15.76 12.46
C PHE A 89 -0.27 -15.25 12.59
N GLY A 90 -1.09 -15.46 11.52
CA GLY A 90 -2.50 -15.17 11.56
C GLY A 90 -2.90 -13.80 11.11
N GLY A 91 -1.99 -13.08 10.47
CA GLY A 91 -2.27 -11.73 10.06
C GLY A 91 -2.91 -11.66 8.63
N ASP A 92 -3.49 -10.51 8.33
CA ASP A 92 -4.20 -10.26 7.06
C ASP A 92 -3.41 -9.13 6.40
N ILE A 93 -2.76 -9.41 5.24
CA ILE A 93 -2.08 -8.33 4.52
C ILE A 93 -3.10 -7.46 3.83
N LEU A 94 -3.17 -6.19 4.22
CA LEU A 94 -4.19 -5.28 3.71
C LEU A 94 -3.86 -4.74 2.31
N LYS A 95 -2.64 -4.21 2.16
CA LYS A 95 -2.23 -3.59 0.94
C LYS A 95 -0.70 -3.60 0.84
N PHE A 96 -0.19 -3.70 -0.40
CA PHE A 96 1.22 -3.51 -0.74
C PHE A 96 1.40 -2.15 -1.39
N ALA A 97 2.52 -1.54 -1.14
CA ALA A 97 2.92 -0.31 -1.84
C ALA A 97 4.40 -0.38 -2.04
N GLY A 98 4.76 -0.67 -3.30
CA GLY A 98 6.17 -0.80 -3.67
C GLY A 98 6.81 -1.89 -2.89
N ASP A 99 7.76 -1.53 -2.02
CA ASP A 99 8.46 -2.53 -1.19
C ASP A 99 8.03 -2.52 0.30
N ALA A 100 6.78 -2.10 0.55
CA ALA A 100 6.21 -2.06 1.88
C ALA A 100 4.89 -2.75 1.87
N LEU A 101 4.41 -3.09 3.05
CA LEU A 101 3.10 -3.72 3.20
C LEU A 101 2.55 -3.44 4.58
N LEU A 102 1.25 -3.31 4.65
CA LEU A 102 0.56 -3.08 5.89
C LEU A 102 -0.26 -4.32 6.21
N ALA A 103 -0.12 -4.81 7.45
CA ALA A 103 -0.87 -6.03 7.92
C ALA A 103 -1.70 -5.75 9.16
N LEU A 104 -2.79 -6.50 9.32
CA LEU A 104 -3.81 -6.30 10.32
C LEU A 104 -4.19 -7.62 11.00
N TRP A 105 -4.30 -7.57 12.32
CA TRP A 105 -4.86 -8.67 13.16
C TRP A 105 -6.06 -8.08 13.77
N ARG A 106 -7.22 -8.37 13.20
CA ARG A 106 -8.46 -7.78 13.71
C ARG A 106 -8.94 -8.70 14.84
N VAL A 107 -9.14 -8.14 16.03
CA VAL A 107 -9.63 -8.92 17.19
C VAL A 107 -10.47 -8.08 18.07
N GLU A 108 -11.20 -8.77 18.94
CA GLU A 108 -12.02 -8.11 19.95
C GLU A 108 -11.07 -7.44 20.94
N ARG A 109 -11.58 -6.38 21.50
CA ARG A 109 -10.80 -5.50 22.33
C ARG A 109 -10.05 -6.24 23.48
N LYS A 110 -10.68 -7.26 24.07
CA LYS A 110 -10.07 -8.02 25.17
C LYS A 110 -8.87 -8.83 24.76
N GLN A 111 -8.75 -9.13 23.48
CA GLN A 111 -7.65 -9.95 23.03
C GLN A 111 -6.46 -9.15 22.54
N LEU A 112 -6.56 -7.83 22.53
CA LEU A 112 -5.45 -7.01 21.98
C LEU A 112 -4.13 -7.28 22.65
N LYS A 113 -4.14 -7.37 23.99
CA LYS A 113 -2.87 -7.62 24.68
C LYS A 113 -2.18 -8.88 24.20
N ASN A 114 -2.94 -9.97 24.17
CA ASN A 114 -2.34 -11.22 23.72
C ASN A 114 -1.87 -11.18 22.27
N ILE A 115 -2.69 -10.60 21.43
CA ILE A 115 -2.32 -10.54 20.00
C ILE A 115 -1.10 -9.70 19.79
N ILE A 116 -0.96 -8.61 20.52
CA ILE A 116 0.29 -7.85 20.43
C ILE A 116 1.48 -8.75 20.59
N THR A 117 1.39 -9.70 21.52
CA THR A 117 2.53 -10.62 21.71
C THR A 117 2.85 -11.45 20.46
N VAL A 118 1.80 -11.95 19.83
CA VAL A 118 1.93 -12.75 18.61
C VAL A 118 2.57 -11.90 17.52
N VAL A 119 2.12 -10.68 17.39
CA VAL A 119 2.63 -9.79 16.32
C VAL A 119 4.09 -9.40 16.58
N ILE A 120 4.44 -9.13 17.85
CA ILE A 120 5.88 -8.87 18.16
C ILE A 120 6.70 -10.07 17.80
N LYS A 121 6.29 -11.28 18.18
CA LYS A 121 7.07 -12.46 17.79
C LYS A 121 7.29 -12.60 16.25
N CYS A 122 6.20 -12.41 15.54
CA CYS A 122 6.20 -12.38 14.09
C CYS A 122 7.22 -11.31 13.60
N SER A 123 7.14 -10.10 14.16
CA SER A 123 8.11 -9.05 13.76
C SER A 123 9.55 -9.49 13.97
N LEU A 124 9.82 -10.12 15.11
CA LEU A 124 11.20 -10.51 15.43
C LEU A 124 11.62 -11.59 14.47
N GLU A 125 10.71 -12.48 14.10
CA GLU A 125 11.04 -13.49 13.10
C GLU A 125 11.27 -12.93 11.71
N ILE A 126 10.55 -11.87 11.36
CA ILE A 126 10.79 -11.17 10.06
C ILE A 126 12.22 -10.55 10.05
N HIS A 127 12.60 -9.82 11.10
CA HIS A 127 14.05 -9.45 11.25
C HIS A 127 15.01 -10.60 11.20
N GLY A 128 14.64 -11.70 11.85
CA GLY A 128 15.38 -12.95 11.74
C GLY A 128 15.77 -13.24 10.31
N LEU A 129 14.77 -13.51 9.46
CA LEU A 129 14.98 -13.91 8.05
C LEU A 129 16.19 -13.27 7.35
N PHE A 130 16.48 -12.00 7.64
CA PHE A 130 17.39 -11.19 6.83
C PHE A 130 18.78 -10.96 7.40
N GLU A 131 19.57 -12.02 7.23
CA GLU A 131 21.01 -12.05 7.43
C GLU A 131 21.69 -12.44 6.12
N THR A 132 21.04 -12.11 4.99
CA THR A 132 21.53 -12.42 3.65
C THR A 132 22.33 -11.21 3.14
N LEU A 139 22.25 -8.45 -1.82
CA LEU A 139 21.63 -7.15 -2.03
C LEU A 139 21.71 -6.31 -0.75
N ASP A 140 21.64 -4.99 -0.93
CA ASP A 140 21.80 -3.99 0.16
C ASP A 140 20.42 -3.40 0.67
N ILE A 141 19.80 -4.07 1.67
CA ILE A 141 18.43 -3.77 2.09
C ILE A 141 18.19 -3.94 3.60
N ARG A 142 17.56 -2.93 4.21
CA ARG A 142 17.06 -2.92 5.59
C ARG A 142 15.48 -3.09 5.68
N VAL A 143 14.96 -3.52 6.82
CA VAL A 143 13.54 -3.78 7.06
C VAL A 143 13.21 -3.01 8.28
N LYS A 144 12.32 -2.05 8.21
CA LYS A 144 11.86 -1.31 9.36
C LYS A 144 10.41 -1.70 9.67
N ILE A 145 10.09 -1.96 10.96
CA ILE A 145 8.77 -2.40 11.34
C ILE A 145 8.22 -1.51 12.41
N GLY A 146 7.00 -1.07 12.22
CA GLY A 146 6.22 -0.39 13.18
C GLY A 146 4.99 -1.20 13.55
N LEU A 147 4.63 -1.20 14.85
CA LEU A 147 3.38 -1.76 15.37
C LEU A 147 2.49 -0.74 16.05
N ALA A 148 1.18 -0.92 15.94
CA ALA A 148 0.25 -0.04 16.61
C ALA A 148 -0.96 -0.87 16.96
N ALA A 149 -1.77 -0.42 17.92
CA ALA A 149 -2.99 -1.12 18.30
C ALA A 149 -4.02 -0.14 18.74
N GLY A 150 -5.31 -0.46 18.53
CA GLY A 150 -6.43 0.44 18.93
C GLY A 150 -7.61 0.33 18.01
N HIS A 151 -8.46 1.33 18.04
CA HIS A 151 -9.66 1.43 17.26
C HIS A 151 -9.20 1.72 15.81
N ILE A 152 -9.88 1.08 14.86
CA ILE A 152 -9.56 1.22 13.43
C ILE A 152 -10.92 1.33 12.76
N SER A 153 -11.00 2.20 11.75
CA SER A 153 -12.18 2.32 10.87
C SER A 153 -11.79 1.91 9.45
N MET A 154 -12.72 1.31 8.72
CA MET A 154 -12.49 0.90 7.33
C MET A 154 -13.36 1.81 6.49
N LEU A 155 -12.84 2.35 5.38
CA LEU A 155 -13.63 3.13 4.48
C LEU A 155 -13.61 2.37 3.13
N VAL A 156 -14.77 2.17 2.49
CA VAL A 156 -14.83 1.67 1.16
C VAL A 156 -15.53 2.72 0.30
N PHE A 157 -14.87 3.10 -0.80
CA PHE A 157 -15.38 4.10 -1.66
C PHE A 157 -15.23 3.59 -3.11
N GLY A 158 -16.02 4.16 -4.02
CA GLY A 158 -15.96 3.75 -5.42
C GLY A 158 -17.22 4.03 -6.15
N ASP A 159 -17.33 3.47 -7.31
CA ASP A 159 -18.47 3.71 -8.19
C ASP A 159 -19.02 2.37 -8.52
N GLU A 160 -19.85 2.28 -9.54
CA GLU A 160 -20.55 1.00 -9.74
CA GLU A 160 -20.56 1.05 -9.83
C GLU A 160 -19.60 -0.04 -10.32
N THR A 161 -18.46 0.36 -10.87
CA THR A 161 -17.50 -0.62 -11.45
C THR A 161 -16.14 -0.77 -10.75
N HIS A 162 -15.83 0.09 -9.83
CA HIS A 162 -14.55 0.12 -9.09
C HIS A 162 -14.75 0.35 -7.62
N SER A 163 -13.94 -0.33 -6.80
CA SER A 163 -13.94 -0.13 -5.40
C SER A 163 -12.51 0.04 -4.88
N HIS A 164 -12.40 0.76 -3.76
CA HIS A 164 -11.15 1.09 -3.09
C HIS A 164 -11.43 1.09 -1.60
N PHE A 165 -10.47 0.58 -0.82
CA PHE A 165 -10.55 0.70 0.63
C PHE A 165 -9.29 1.28 1.28
N LEU A 166 -9.48 1.74 2.53
CA LEU A 166 -8.46 2.26 3.40
C LEU A 166 -8.85 1.92 4.80
N VAL A 167 -7.84 1.77 5.64
CA VAL A 167 -8.04 1.83 7.08
C VAL A 167 -7.64 3.23 7.55
N ILE A 168 -8.37 3.72 8.54
CA ILE A 168 -8.18 5.09 9.06
C ILE A 168 -8.22 5.09 10.60
N GLY A 169 -7.51 6.07 11.15
CA GLY A 169 -7.67 6.43 12.55
C GLY A 169 -6.34 6.58 13.20
N GLN A 170 -6.36 6.82 14.52
CA GLN A 170 -5.10 7.15 15.21
C GLN A 170 -4.15 6.01 15.16
N ALA A 171 -4.63 4.79 15.32
CA ALA A 171 -3.70 3.64 15.25
C ALA A 171 -2.99 3.48 13.87
N VAL A 172 -3.70 3.82 12.80
CA VAL A 172 -3.10 3.83 11.48
C VAL A 172 -1.99 4.89 11.36
N ASP A 173 -2.28 6.10 11.83
CA ASP A 173 -1.25 7.18 11.89
C ASP A 173 -0.09 6.76 12.70
N ASP A 174 -0.39 6.14 13.84
CA ASP A 174 0.64 5.68 14.75
C ASP A 174 1.57 4.64 14.16
N VAL A 175 1.01 3.62 13.45
CA VAL A 175 1.89 2.58 12.92
C VAL A 175 2.90 3.15 11.94
N ARG A 176 2.41 4.08 11.14
CA ARG A 176 3.32 4.73 10.20
C ARG A 176 4.40 5.59 10.92
N LEU A 177 3.99 6.32 11.94
CA LEU A 177 4.97 7.14 12.71
C LEU A 177 6.02 6.21 13.35
N ALA A 178 5.55 5.09 13.93
CA ALA A 178 6.42 4.10 14.58
C ALA A 178 7.49 3.55 13.66
N GLN A 179 7.03 3.02 12.52
CA GLN A 179 7.94 2.46 11.54
C GLN A 179 9.00 3.48 11.08
N ASN A 180 8.55 4.72 10.89
CA ASN A 180 9.44 5.79 10.40
C ASN A 180 10.62 6.17 11.37
N MET A 181 10.44 5.86 12.66
CA MET A 181 11.49 6.02 13.72
C MET A 181 12.51 4.92 13.75
N ALA A 182 12.19 3.76 13.19
CA ALA A 182 13.07 2.60 13.28
C ALA A 182 14.38 2.89 12.57
N GLN A 183 15.50 2.54 13.18
CA GLN A 183 16.78 2.56 12.50
C GLN A 183 16.78 1.24 11.83
N MET A 184 17.84 0.93 11.10
CA MET A 184 17.85 -0.31 10.37
C MET A 184 17.48 -1.41 11.32
N ASN A 185 16.47 -2.16 10.92
CA ASN A 185 16.12 -3.47 11.45
C ASN A 185 15.54 -3.55 12.88
N ASP A 186 15.01 -2.41 13.29
CA ASP A 186 14.25 -2.23 14.53
C ASP A 186 12.74 -2.50 14.41
N VAL A 187 12.12 -2.92 15.52
CA VAL A 187 10.68 -2.95 15.69
C VAL A 187 10.33 -1.91 16.70
N ILE A 188 9.45 -1.00 16.33
CA ILE A 188 9.01 0.07 17.17
C ILE A 188 7.54 -0.08 17.50
N LEU A 189 7.15 0.08 18.78
CA LEU A 189 5.78 0.09 19.20
C LEU A 189 5.22 1.48 19.32
N SER A 190 3.98 1.73 18.86
CA SER A 190 3.35 3.00 19.14
C SER A 190 3.12 3.16 20.66
N PRO A 191 2.90 4.41 21.12
CA PRO A 191 2.58 4.61 22.56
C PRO A 191 1.42 3.80 23.04
N ASN A 192 0.33 3.80 22.26
CA ASN A 192 -0.83 3.04 22.70
C ASN A 192 -0.58 1.54 22.70
N CYS A 193 0.27 1.08 21.77
CA CYS A 193 0.61 -0.33 21.68
C CYS A 193 1.40 -0.77 22.94
N TRP A 194 2.37 0.05 23.31
CA TRP A 194 3.12 -0.15 24.55
C TRP A 194 2.22 -0.10 25.81
N GLN A 195 1.30 0.85 25.85
CA GLN A 195 0.26 0.91 26.88
C GLN A 195 -0.62 -0.34 27.00
N LEU A 196 -0.93 -1.02 25.89
CA LEU A 196 -1.83 -2.16 25.91
C LEU A 196 -1.09 -3.51 26.00
N CYS A 197 0.22 -3.54 25.80
CA CYS A 197 0.91 -4.79 25.64
C CYS A 197 1.18 -5.50 27.02
N ASP A 198 1.70 -6.72 26.94
CA ASP A 198 2.01 -7.51 28.11
C ASP A 198 3.44 -7.11 28.46
N ARG A 199 3.55 -6.07 29.27
CA ARG A 199 4.88 -5.53 29.68
C ARG A 199 5.88 -6.50 30.35
N SER A 200 5.38 -7.57 30.98
CA SER A 200 6.24 -8.63 31.59
C SER A 200 7.02 -9.45 30.59
N MET A 201 6.46 -9.59 29.40
CA MET A 201 7.10 -10.34 28.32
C MET A 201 8.13 -9.57 27.51
N ILE A 202 8.06 -8.24 27.52
CA ILE A 202 8.62 -7.41 26.43
C ILE A 202 9.62 -6.38 26.93
N GLU A 203 10.90 -6.60 26.62
CA GLU A 203 11.99 -5.71 27.05
C GLU A 203 12.13 -4.60 26.02
N ILE A 204 11.93 -3.36 26.40
CA ILE A 204 11.98 -2.20 25.47
C ILE A 204 13.06 -1.15 25.84
N GLU A 205 13.20 -0.10 25.03
CA GLU A 205 13.90 1.12 25.43
C GLU A 205 13.27 2.38 24.84
N SER A 206 13.51 3.49 25.52
CA SER A 206 13.11 4.82 25.09
C SER A 206 13.55 5.14 23.66
N VAL A 207 12.70 5.91 23.00
CA VAL A 207 13.08 6.51 21.73
C VAL A 207 13.13 7.99 22.06
N PRO A 208 14.28 8.64 21.76
CA PRO A 208 14.51 10.03 22.16
C PRO A 208 13.48 10.98 21.58
N ASP A 209 12.88 11.80 22.44
CA ASP A 209 11.87 12.82 22.07
C ASP A 209 10.57 12.16 21.60
N GLN A 210 10.35 10.91 22.02
CA GLN A 210 9.24 10.11 21.56
C GLN A 210 8.71 9.23 22.67
N ARG A 211 7.39 9.18 22.82
CA ARG A 211 6.73 8.18 23.65
C ARG A 211 6.71 6.76 23.04
N ALA A 212 7.14 6.56 21.81
CA ALA A 212 7.20 5.23 21.20
C ALA A 212 8.39 4.51 21.80
N VAL A 213 8.46 3.19 21.66
CA VAL A 213 9.57 2.43 22.21
C VAL A 213 10.03 1.39 21.24
N LYS A 214 11.27 0.98 21.42
CA LYS A 214 11.88 0.00 20.62
C LYS A 214 11.86 -1.29 21.42
N VAL A 215 11.55 -2.39 20.74
CA VAL A 215 11.53 -3.70 21.35
C VAL A 215 12.95 -4.21 21.36
N ASN A 216 13.47 -4.57 22.53
CA ASN A 216 14.77 -5.23 22.58
C ASN A 216 14.66 -6.74 22.56
N PHE A 217 13.78 -7.29 23.41
CA PHE A 217 13.68 -8.75 23.55
C PHE A 217 12.29 -9.14 23.88
N LEU A 218 11.93 -10.34 23.43
CA LEU A 218 10.81 -11.06 24.01
C LEU A 218 11.43 -12.00 25.03
N LYS A 219 10.98 -11.90 26.28
CA LYS A 219 11.52 -12.69 27.39
C LYS A 219 10.31 -13.26 28.13
N PRO A 220 9.85 -14.42 27.70
CA PRO A 220 8.63 -14.97 28.31
C PRO A 220 8.90 -15.58 29.72
N PRO A 221 7.87 -15.71 30.55
CA PRO A 221 8.04 -16.44 31.82
C PRO A 221 8.35 -17.95 31.67
N PRO A 222 8.89 -18.59 32.72
CA PRO A 222 9.10 -20.03 32.79
C PRO A 222 8.02 -20.97 32.22
N ASN A 223 6.78 -20.72 32.51
CA ASN A 223 5.77 -21.66 32.03
C ASN A 223 5.39 -21.44 30.56
N PHE A 224 5.88 -20.36 29.96
CA PHE A 224 5.32 -19.91 28.68
C PHE A 224 5.86 -20.78 27.56
N ASN A 225 4.95 -21.33 26.76
CA ASN A 225 5.24 -22.09 25.54
C ASN A 225 4.61 -21.38 24.27
N PHE A 226 5.40 -20.82 23.37
CA PHE A 226 4.80 -19.96 22.33
C PHE A 226 3.67 -20.65 21.53
N ASP A 227 3.89 -21.87 21.16
CA ASP A 227 2.94 -22.62 20.33
C ASP A 227 1.64 -22.87 21.01
N GLU A 228 1.67 -23.23 22.31
CA GLU A 228 0.41 -23.33 23.04
C GLU A 228 -0.26 -22.00 23.16
N PHE A 229 0.53 -20.94 23.37
CA PHE A 229 -0.06 -19.63 23.48
C PHE A 229 -0.76 -19.22 22.13
N PHE A 230 -0.02 -19.44 21.08
CA PHE A 230 -0.50 -19.12 19.71
C PHE A 230 -1.79 -19.90 19.40
N THR A 231 -1.78 -21.20 19.67
CA THR A 231 -3.01 -21.94 19.56
C THR A 231 -4.17 -21.33 20.28
N LYS A 232 -4.00 -20.86 21.51
CA LYS A 232 -5.14 -20.22 22.21
C LYS A 232 -5.58 -18.95 21.51
N CYS A 233 -4.61 -18.18 21.03
CA CYS A 233 -4.90 -16.94 20.24
C CYS A 233 -5.66 -17.26 18.97
N THR A 234 -5.46 -18.45 18.39
CA THR A 234 -6.24 -18.84 17.16
C THR A 234 -7.75 -18.94 17.34
N THR A 235 -8.23 -19.14 18.60
CA THR A 235 -9.66 -19.11 18.89
C THR A 235 -10.31 -17.87 18.48
N PHE A 236 -9.56 -16.74 18.55
CA PHE A 236 -10.11 -15.47 18.22
C PHE A 236 -9.84 -15.09 16.79
N MET A 237 -9.19 -15.95 15.98
CA MET A 237 -8.89 -15.64 14.57
C MET A 237 -9.88 -16.39 13.65
N HIS A 238 -10.80 -15.67 13.10
CA HIS A 238 -11.93 -16.23 12.37
C HIS A 238 -11.53 -17.06 11.16
N TYR A 239 -10.46 -16.66 10.44
CA TYR A 239 -10.11 -17.27 9.15
C TYR A 239 -8.82 -18.05 9.16
N TYR A 240 -8.25 -18.33 10.36
CA TYR A 240 -7.05 -19.08 10.43
C TYR A 240 -7.25 -20.46 9.85
N PRO A 241 -6.48 -20.83 8.78
CA PRO A 241 -6.66 -22.15 8.17
C PRO A 241 -6.41 -23.27 9.18
N SER A 242 -7.35 -24.20 9.23
CA SER A 242 -7.33 -25.19 10.31
C SER A 242 -7.91 -26.49 9.79
N GLY A 243 -7.67 -27.56 10.54
CA GLY A 243 -8.33 -28.84 10.26
C GLY A 243 -7.85 -29.40 8.95
N GLU A 244 -8.79 -29.74 8.09
CA GLU A 244 -8.41 -30.28 6.75
C GLU A 244 -7.68 -29.21 5.90
N HIS A 245 -7.86 -27.93 6.24
CA HIS A 245 -7.15 -26.84 5.55
C HIS A 245 -5.94 -26.26 6.28
N LYS A 246 -5.42 -26.91 7.34
CA LYS A 246 -4.24 -26.39 8.05
C LYS A 246 -2.97 -26.32 7.21
N ASN A 247 -2.94 -27.03 6.09
CA ASN A 247 -1.82 -26.97 5.15
C ASN A 247 -1.83 -25.72 4.21
N LEU A 248 -2.85 -24.89 4.27
CA LEU A 248 -3.00 -23.76 3.34
C LEU A 248 -2.55 -22.50 4.04
N LEU A 249 -2.05 -21.55 3.26
CA LEU A 249 -1.64 -20.27 3.82
C LEU A 249 -2.84 -19.31 4.00
N ARG A 250 -3.87 -19.50 3.21
CA ARG A 250 -5.07 -18.72 3.32
C ARG A 250 -6.28 -19.58 3.06
N LEU A 251 -7.35 -19.27 3.84
CA LEU A 251 -8.64 -19.86 3.63
C LEU A 251 -9.17 -19.42 2.28
N ALA A 252 -8.77 -18.21 1.80
CA ALA A 252 -9.20 -17.75 0.51
C ALA A 252 -8.83 -18.67 -0.65
N THR A 254 -9.53 -21.64 -0.79
CA THR A 254 -10.65 -22.56 -0.89
C THR A 254 -11.90 -21.93 -1.42
N LEU A 255 -11.89 -20.66 -1.80
CA LEU A 255 -13.08 -20.05 -2.36
C LEU A 255 -13.60 -20.77 -3.60
N LYS A 256 -14.92 -20.87 -3.69
CA LYS A 256 -15.57 -21.57 -4.80
C LYS A 256 -16.29 -20.54 -5.64
N PRO A 257 -16.49 -20.85 -6.91
CA PRO A 257 -17.20 -19.97 -7.80
C PRO A 257 -18.51 -19.48 -7.22
N ASP A 258 -18.74 -18.18 -7.39
CA ASP A 258 -19.88 -17.48 -6.88
C ASP A 258 -19.93 -16.15 -7.62
N PRO A 259 -20.76 -16.06 -8.65
CA PRO A 259 -20.66 -14.87 -9.55
C PRO A 259 -20.92 -13.55 -8.86
N GLU A 260 -21.77 -13.53 -7.84
CA GLU A 260 -22.08 -12.30 -7.13
C GLU A 260 -20.84 -11.84 -6.31
N LEU A 261 -20.20 -12.79 -5.62
CA LEU A 261 -18.95 -12.47 -4.88
C LEU A 261 -17.85 -12.06 -5.83
N GLU A 262 -17.72 -12.79 -6.94
CA GLU A 262 -16.73 -12.41 -7.95
C GLU A 262 -16.93 -10.99 -8.54
N MET A 263 -18.16 -10.65 -8.79
CA MET A 263 -18.54 -9.35 -9.33
CA MET A 263 -18.49 -9.36 -9.34
C MET A 263 -18.07 -8.24 -8.36
N SER A 264 -18.29 -8.46 -7.08
CA SER A 264 -17.90 -7.58 -6.05
C SER A 264 -16.34 -7.46 -5.91
N LEU A 265 -15.62 -8.59 -5.89
CA LEU A 265 -14.14 -8.58 -5.72
C LEU A 265 -13.42 -7.99 -6.92
N GLN A 266 -13.96 -8.23 -8.12
CA GLN A 266 -13.23 -7.78 -9.35
C GLN A 266 -13.11 -6.28 -9.44
N LYS A 267 -14.03 -5.59 -8.78
CA LYS A 267 -14.02 -4.12 -8.76
C LYS A 267 -12.80 -3.45 -8.13
N TYR A 268 -12.12 -4.22 -7.32
CA TYR A 268 -10.88 -3.81 -6.68
C TYR A 268 -9.62 -3.99 -7.49
N VAL A 269 -9.70 -4.68 -8.63
CA VAL A 269 -8.51 -5.15 -9.32
C VAL A 269 -8.47 -4.51 -10.71
N MET A 270 -7.29 -4.13 -11.17
CA MET A 270 -7.19 -3.48 -12.53
C MET A 270 -7.56 -4.43 -13.64
N GLU A 271 -8.13 -3.85 -14.69
CA GLU A 271 -8.50 -4.65 -15.88
C GLU A 271 -7.34 -5.49 -16.50
N SER A 272 -6.13 -4.92 -16.56
CA SER A 272 -4.98 -5.61 -17.12
C SER A 272 -4.61 -6.83 -16.30
N ILE A 273 -4.77 -6.72 -14.98
CA ILE A 273 -4.60 -7.86 -14.06
C ILE A 273 -5.68 -8.96 -14.29
N LEU A 274 -6.93 -8.52 -14.43
CA LEU A 274 -8.06 -9.46 -14.70
C LEU A 274 -7.78 -10.18 -16.02
N LYS A 275 -7.21 -9.46 -16.98
CA LYS A 275 -6.90 -10.05 -18.29
C LYS A 275 -5.88 -11.21 -18.14
N GLN A 276 -4.94 -11.03 -17.23
CA GLN A 276 -3.92 -12.05 -16.98
C GLN A 276 -4.53 -13.19 -16.22
N ILE A 277 -5.31 -12.86 -15.20
CA ILE A 277 -6.07 -13.87 -14.45
C ILE A 277 -6.95 -14.77 -15.35
N ASP A 278 -7.58 -14.16 -16.36
CA ASP A 278 -8.42 -14.87 -17.32
C ASP A 278 -7.63 -15.63 -18.42
N ASN A 279 -6.30 -15.70 -18.28
CA ASN A 279 -5.40 -16.28 -19.31
C ASN A 279 -5.63 -15.71 -20.71
N LYS A 280 -5.83 -14.41 -20.78
CA LYS A 280 -5.91 -13.68 -22.01
C LYS A 280 -4.73 -12.77 -22.28
N GLN A 281 -3.71 -12.82 -21.44
CA GLN A 281 -2.48 -12.09 -21.65
C GLN A 281 -1.39 -12.92 -20.94
N LEU A 282 -0.18 -12.89 -21.47
CA LEU A 282 0.97 -13.58 -20.87
C LEU A 282 1.33 -13.05 -19.48
N GLN A 283 1.63 -13.92 -18.52
CA GLN A 283 2.00 -13.46 -17.16
C GLN A 283 3.12 -12.41 -17.17
N GLY A 284 4.12 -12.59 -17.99
CA GLY A 284 5.28 -11.74 -17.91
C GLY A 284 5.04 -10.35 -18.37
N TYR A 285 3.90 -10.11 -19.02
CA TYR A 285 3.69 -8.88 -19.69
C TYR A 285 3.65 -7.67 -18.69
N LEU A 286 3.28 -7.88 -17.45
CA LEU A 286 3.09 -6.75 -16.50
C LEU A 286 4.36 -6.40 -15.70
N SER A 287 5.44 -7.18 -15.81
CA SER A 287 6.68 -6.92 -15.08
C SER A 287 7.47 -6.08 -16.06
N GLU A 288 7.66 -4.81 -15.79
CA GLU A 288 8.35 -3.92 -16.80
C GLU A 288 9.00 -2.71 -16.14
N LEU A 289 10.07 -2.22 -16.74
CA LEU A 289 10.66 -0.98 -16.36
C LEU A 289 10.18 -0.06 -17.49
N ARG A 290 9.23 0.78 -17.19
CA ARG A 290 8.48 1.45 -18.24
C ARG A 290 8.53 2.99 -17.99
N PRO A 291 8.64 3.79 -19.07
CA PRO A 291 8.59 5.26 -18.92
C PRO A 291 7.16 5.66 -18.60
N VAL A 292 6.95 6.29 -17.45
CA VAL A 292 5.60 6.72 -17.07
C VAL A 292 5.65 8.12 -16.47
N THR A 293 4.46 8.70 -16.30
CA THR A 293 4.28 9.88 -15.53
C THR A 293 3.40 9.57 -14.30
N ILE A 294 3.95 9.87 -13.15
CA ILE A 294 3.32 9.73 -11.85
C ILE A 294 2.70 11.07 -11.49
N VAL A 295 1.42 11.04 -11.21
CA VAL A 295 0.65 12.18 -10.64
C VAL A 295 0.20 11.76 -9.20
N PHE A 296 0.84 12.32 -8.19
CA PHE A 296 0.59 11.92 -6.86
C PHE A 296 -0.25 13.02 -6.21
N VAL A 297 -1.52 12.72 -5.90
CA VAL A 297 -2.48 13.70 -5.44
C VAL A 297 -2.66 13.51 -3.94
N ASN A 298 -2.47 14.57 -3.14
CA ASN A 298 -2.67 14.53 -1.67
C ASN A 298 -3.85 15.41 -1.25
N LEU A 299 -4.80 14.82 -0.51
CA LEU A 299 -5.97 15.51 0.05
C LEU A 299 -5.76 15.62 1.56
N MET A 300 -5.54 16.82 2.05
CA MET A 300 -5.42 17.07 3.50
C MET A 300 -6.74 17.51 4.16
N PHE A 301 -7.08 16.88 5.28
CA PHE A 301 -8.29 17.19 6.09
C PHE A 301 -7.88 17.91 7.44
N GLU A 302 -8.75 18.71 8.04
CA GLU A 302 -8.39 19.37 9.33
C GLU A 302 -8.07 18.31 10.43
N ASP A 303 -7.16 18.62 11.34
CA ASP A 303 -6.85 17.75 12.51
C ASP A 303 -8.09 17.33 13.34
N GLN A 304 -9.13 18.18 13.40
CA GLN A 304 -10.43 17.85 14.06
C GLN A 304 -11.24 16.76 13.37
N ASP A 305 -11.05 16.56 12.06
CA ASP A 305 -11.93 15.71 11.24
C ASP A 305 -12.01 14.26 11.71
N LYS A 306 -13.25 13.75 11.83
CA LYS A 306 -13.51 12.35 12.18
C LYS A 306 -13.74 11.60 10.90
N ALA A 307 -13.55 10.29 10.96
CA ALA A 307 -13.76 9.42 9.83
C ALA A 307 -15.11 9.57 9.11
N GLU A 308 -16.19 9.82 9.83
CA GLU A 308 -17.50 9.97 9.17
C GLU A 308 -17.61 11.22 8.33
N GLU A 309 -16.75 12.21 8.55
CA GLU A 309 -16.67 13.39 7.64
C GLU A 309 -15.71 13.18 6.43
N ILE A 310 -14.59 12.53 6.72
CA ILE A 310 -13.58 12.18 5.74
C ILE A 310 -14.17 11.27 4.61
N GLY A 311 -14.92 10.25 4.97
CA GLY A 311 -15.45 9.30 3.99
C GLY A 311 -16.21 9.91 2.79
N PRO A 312 -17.24 10.77 3.03
CA PRO A 312 -17.99 11.43 1.90
C PRO A 312 -17.11 12.34 1.02
N ALA A 313 -16.12 12.98 1.62
CA ALA A 313 -15.20 13.86 0.92
C ALA A 313 -14.22 13.03 0.02
N ILE A 314 -13.70 11.93 0.54
CA ILE A 314 -12.88 11.06 -0.33
C ILE A 314 -13.78 10.53 -1.45
N GLN A 315 -14.99 10.06 -1.14
CA GLN A 315 -15.95 9.61 -2.15
C GLN A 315 -16.13 10.68 -3.26
N ASP A 316 -16.33 11.91 -2.85
CA ASP A 316 -16.58 12.97 -3.81
C ASP A 316 -15.39 13.29 -4.71
N ALA A 317 -14.24 13.40 -4.09
CA ALA A 317 -12.98 13.57 -4.78
C ALA A 317 -12.77 12.40 -5.73
N TYR A 318 -13.00 11.18 -5.25
CA TYR A 318 -12.77 10.00 -6.08
C TYR A 318 -13.61 10.06 -7.37
N MET A 319 -14.87 10.41 -7.24
CA MET A 319 -15.75 10.45 -8.42
C MET A 319 -15.25 11.38 -9.49
N HIS A 320 -14.65 12.48 -9.09
CA HIS A 320 -14.08 13.41 -10.02
C HIS A 320 -12.76 12.90 -10.57
N ILE A 321 -11.88 12.42 -9.67
CA ILE A 321 -10.58 11.87 -10.11
C ILE A 321 -10.76 10.79 -11.18
N THR A 322 -11.64 9.86 -10.93
CA THR A 322 -11.79 8.79 -11.88
C THR A 322 -12.27 9.32 -13.28
N SER A 323 -13.16 10.31 -13.32
CA SER A 323 -13.69 10.80 -14.63
C SER A 323 -12.63 11.53 -15.41
N VAL A 324 -11.83 12.29 -14.70
CA VAL A 324 -10.74 13.05 -15.27
C VAL A 324 -9.67 12.06 -15.77
N LEU A 325 -9.38 11.05 -14.97
CA LEU A 325 -8.37 10.07 -15.41
C LEU A 325 -8.84 9.33 -16.62
N LYS A 326 -10.10 8.99 -16.69
CA LYS A 326 -10.64 8.29 -17.88
C LYS A 326 -10.42 9.14 -19.12
N ILE A 327 -10.72 10.40 -19.01
CA ILE A 327 -10.57 11.34 -20.12
C ILE A 327 -9.11 11.42 -20.56
N PHE A 328 -8.21 11.55 -19.59
CA PHE A 328 -6.78 11.80 -19.88
C PHE A 328 -5.92 10.55 -19.95
N GLN A 329 -6.54 9.40 -19.88
CA GLN A 329 -5.92 8.09 -20.01
C GLN A 329 -4.95 7.69 -18.87
N GLY A 330 -5.37 7.98 -17.64
CA GLY A 330 -4.58 7.70 -16.42
C GLY A 330 -5.23 6.63 -15.60
N GLN A 331 -4.53 6.12 -14.59
CA GLN A 331 -5.05 5.03 -13.74
C GLN A 331 -4.66 5.34 -12.26
N ILE A 332 -5.51 4.93 -11.34
CA ILE A 332 -5.18 4.96 -9.92
C ILE A 332 -4.46 3.62 -9.64
N ASN A 333 -3.18 3.71 -9.27
CA ASN A 333 -2.42 2.51 -8.95
C ASN A 333 -2.66 2.14 -7.48
N LYS A 334 -2.75 3.13 -6.59
CA LYS A 334 -2.88 2.82 -5.16
C LYS A 334 -3.38 4.05 -4.44
N VAL A 335 -4.12 3.85 -3.35
CA VAL A 335 -4.62 4.87 -2.47
C VAL A 335 -4.12 4.57 -1.06
N PHE A 336 -3.70 5.62 -0.36
CA PHE A 336 -3.07 5.59 0.99
C PHE A 336 -3.72 6.67 1.86
N MET A 337 -3.69 6.47 3.17
CA MET A 337 -4.05 7.57 4.12
C MET A 337 -3.35 7.49 5.47
N PHE A 338 -2.72 8.60 5.86
CA PHE A 338 -2.09 8.71 7.22
C PHE A 338 -1.88 10.21 7.47
N ASP A 339 -1.63 10.62 8.72
CA ASP A 339 -1.33 12.03 9.06
C ASP A 339 -2.30 13.01 8.41
N LYS A 340 -3.59 12.65 8.39
CA LYS A 340 -4.70 13.47 7.87
C LYS A 340 -4.66 13.74 6.33
N GLY A 341 -3.78 13.01 5.58
CA GLY A 341 -3.61 13.14 4.13
C GLY A 341 -4.01 11.82 3.44
N CYS A 342 -4.99 11.88 2.56
CA CYS A 342 -5.35 10.78 1.67
C CYS A 342 -4.67 11.02 0.32
N SER A 343 -3.90 10.05 -0.14
CA SER A 343 -3.05 10.21 -1.34
C SER A 343 -3.49 9.25 -2.43
N PHE A 344 -3.57 9.69 -3.69
CA PHE A 344 -3.94 8.81 -4.81
C PHE A 344 -2.69 8.75 -5.65
N LEU A 345 -2.11 7.56 -5.75
CA LEU A 345 -0.90 7.40 -6.64
C LEU A 345 -1.39 7.10 -8.08
N CYS A 346 -1.34 8.08 -8.97
CA CYS A 346 -1.92 7.93 -10.30
C CYS A 346 -0.78 7.81 -11.33
N VAL A 347 -1.03 7.06 -12.41
CA VAL A 347 -0.01 6.72 -13.35
C VAL A 347 -0.56 6.91 -14.79
N PHE A 348 0.25 7.55 -15.60
CA PHE A 348 0.00 7.76 -17.03
C PHE A 348 1.10 7.05 -17.79
N GLY A 349 0.69 6.32 -18.81
CA GLY A 349 1.57 5.57 -19.66
C GLY A 349 1.34 4.07 -19.66
N PHE A 350 0.90 3.45 -18.53
CA PHE A 350 1.14 1.97 -18.29
C PHE A 350 0.12 1.01 -19.01
N PRO A 351 0.22 -0.36 -18.86
CA PRO A 351 -0.27 -1.34 -19.91
C PRO A 351 -1.51 -0.97 -20.76
N GLY A 352 -1.32 -0.62 -22.04
CA GLY A 352 -2.40 -0.17 -22.93
C GLY A 352 -2.51 1.35 -23.18
N GLU A 353 -2.27 2.17 -22.13
CA GLU A 353 -2.50 3.63 -22.17
C GLU A 353 -1.33 4.49 -22.74
N LYS A 354 -0.30 3.87 -23.34
CA LYS A 354 0.84 4.62 -23.91
C LYS A 354 0.36 5.53 -25.06
N VAL A 355 0.57 6.86 -24.92
CA VAL A 355 0.22 7.93 -25.90
C VAL A 355 1.49 8.69 -26.35
N PRO A 356 1.35 9.79 -27.12
CA PRO A 356 2.49 10.72 -27.32
C PRO A 356 2.47 12.00 -26.44
N ASP A 357 1.28 12.60 -26.21
CA ASP A 357 1.10 13.88 -25.45
C ASP A 357 0.80 13.65 -23.93
N GLU A 358 1.37 12.56 -23.43
CA GLU A 358 1.15 12.07 -22.10
C GLU A 358 1.50 13.13 -21.03
N LEU A 359 2.50 13.98 -21.29
CA LEU A 359 3.00 14.91 -20.26
C LEU A 359 2.09 16.10 -20.11
N THR A 360 1.77 16.73 -21.22
CA THR A 360 0.69 17.68 -21.31
C THR A 360 -0.60 17.17 -20.64
N HIS A 361 -0.98 15.96 -20.94
CA HIS A 361 -2.16 15.39 -20.38
C HIS A 361 -2.10 15.16 -18.88
N ALA A 362 -0.95 14.73 -18.38
CA ALA A 362 -0.79 14.49 -16.92
C ALA A 362 -0.92 15.88 -16.22
N LEU A 363 -0.23 16.89 -16.75
CA LEU A 363 -0.38 18.25 -16.18
C LEU A 363 -1.78 18.86 -16.19
N GLU A 364 -2.53 18.74 -17.31
CA GLU A 364 -3.89 19.26 -17.39
C GLU A 364 -4.81 18.49 -16.49
N CYS A 365 -4.62 17.16 -16.48
CA CYS A 365 -5.35 16.30 -15.57
C CYS A 365 -5.08 16.72 -14.10
N ALA A 366 -3.83 16.97 -13.77
CA ALA A 366 -3.49 17.36 -12.42
C ALA A 366 -4.18 18.69 -12.04
N MET A 367 -4.21 19.65 -12.97
CA MET A 367 -4.86 20.93 -12.68
C MET A 367 -6.36 20.78 -12.56
N ASP A 368 -6.98 19.95 -13.38
CA ASP A 368 -8.40 19.66 -13.27
C ASP A 368 -8.73 19.05 -11.88
N ILE A 369 -7.96 18.06 -11.48
CA ILE A 369 -8.11 17.45 -10.17
C ILE A 369 -7.88 18.48 -9.05
N PHE A 370 -6.84 19.27 -9.17
CA PHE A 370 -6.59 20.24 -8.20
C PHE A 370 -7.79 21.25 -8.02
N ASP A 371 -8.33 21.75 -9.13
CA ASP A 371 -9.43 22.72 -9.10
C ASP A 371 -10.70 22.11 -8.56
N PHE A 372 -11.05 20.91 -8.99
CA PHE A 372 -12.21 20.29 -8.42
C PHE A 372 -12.06 19.94 -6.95
N CYS A 373 -10.97 19.26 -6.58
CA CYS A 373 -10.89 18.75 -5.22
C CYS A 373 -10.78 19.89 -4.21
N SER A 374 -10.17 21.00 -4.63
CA SER A 374 -10.09 22.21 -3.80
C SER A 374 -11.47 22.75 -3.34
N GLN A 375 -12.55 22.37 -3.97
CA GLN A 375 -13.86 22.84 -3.56
C GLN A 375 -14.73 21.80 -2.89
N VAL A 376 -14.18 20.62 -2.66
CA VAL A 376 -14.89 19.58 -1.99
C VAL A 376 -14.89 19.99 -0.50
N HIS A 377 -16.10 19.92 0.06
CA HIS A 377 -16.38 20.22 1.44
C HIS A 377 -15.50 19.32 2.29
N LYS A 378 -14.73 19.91 3.21
CA LYS A 378 -13.88 19.24 4.17
C LYS A 378 -12.46 19.04 3.71
N ILE A 379 -12.16 19.25 2.42
CA ILE A 379 -10.79 19.08 2.04
C ILE A 379 -10.15 20.42 2.27
N GLN A 380 -9.17 20.48 3.17
CA GLN A 380 -8.46 21.70 3.54
C GLN A 380 -7.47 22.15 2.46
N THR A 381 -6.66 21.22 1.93
CA THR A 381 -5.57 21.51 1.01
C THR A 381 -5.39 20.37 0.02
N VAL A 382 -5.24 20.74 -1.26
CA VAL A 382 -4.87 19.74 -2.32
C VAL A 382 -3.44 20.08 -2.73
N SER A 383 -2.61 19.04 -2.88
CA SER A 383 -1.24 19.16 -3.31
C SER A 383 -0.99 18.02 -4.30
N ILE A 384 -0.38 18.34 -5.43
CA ILE A 384 -0.18 17.33 -6.49
C ILE A 384 1.19 17.42 -7.04
N GLY A 385 1.93 16.30 -6.97
CA GLY A 385 3.31 16.22 -7.50
C GLY A 385 3.36 15.38 -8.74
N VAL A 386 4.09 15.84 -9.77
CA VAL A 386 4.08 15.21 -11.09
C VAL A 386 5.52 14.97 -11.48
N ALA A 387 5.83 13.70 -11.76
CA ALA A 387 7.21 13.35 -12.12
C ALA A 387 7.22 12.24 -13.15
N SER A 388 8.18 12.28 -14.05
CA SER A 388 8.21 11.40 -15.21
C SER A 388 9.59 10.77 -15.37
N GLY A 389 9.57 9.46 -15.66
CA GLY A 389 10.73 8.66 -15.60
C GLY A 389 10.42 7.15 -15.77
N ILE A 390 11.50 6.41 -15.69
CA ILE A 390 11.47 4.92 -15.73
C ILE A 390 11.13 4.40 -14.35
N VAL A 391 10.04 3.65 -14.28
CA VAL A 391 9.66 3.07 -13.02
CA VAL A 391 9.51 3.11 -13.03
C VAL A 391 9.29 1.58 -13.25
N PHE A 392 9.54 0.82 -12.24
CA PHE A 392 9.23 -0.57 -12.20
C PHE A 392 7.77 -0.74 -11.92
N CYS A 393 7.11 -1.54 -12.74
CA CYS A 393 5.68 -1.88 -12.60
C CYS A 393 5.62 -3.39 -12.53
N GLY A 394 4.83 -3.96 -11.61
CA GLY A 394 4.66 -5.39 -11.57
C GLY A 394 3.94 -5.87 -10.33
N ILE A 395 3.71 -7.16 -10.30
CA ILE A 395 2.96 -7.85 -9.26
C ILE A 395 3.96 -8.28 -8.18
N VAL A 396 3.75 -7.71 -7.00
CA VAL A 396 4.64 -7.90 -5.86
C VAL A 396 3.95 -8.70 -4.77
N GLY A 397 4.68 -9.61 -4.16
CA GLY A 397 4.19 -10.40 -3.04
C GLY A 397 4.39 -11.89 -3.17
N HIS A 398 3.47 -12.65 -2.60
CA HIS A 398 3.49 -14.14 -2.63
C HIS A 398 2.42 -14.56 -3.67
N THR A 399 2.52 -15.78 -4.18
CA THR A 399 1.49 -16.40 -4.97
C THR A 399 0.10 -16.26 -4.37
N VAL A 400 -0.08 -16.46 -3.07
CA VAL A 400 -1.35 -16.44 -2.46
C VAL A 400 -1.81 -15.04 -2.04
N ARG A 401 -0.94 -14.04 -2.11
CA ARG A 401 -1.28 -12.68 -1.66
C ARG A 401 -0.26 -11.71 -2.23
N HIS A 402 -0.69 -10.99 -3.26
CA HIS A 402 0.15 -10.09 -4.03
C HIS A 402 -0.69 -9.03 -4.69
N GLU A 403 -0.05 -7.94 -5.10
CA GLU A 403 -0.71 -6.81 -5.77
C GLU A 403 0.14 -6.16 -6.79
N TYR A 404 -0.53 -5.55 -7.77
CA TYR A 404 0.21 -4.71 -8.72
C TYR A 404 0.62 -3.40 -8.06
N THR A 405 1.84 -3.02 -8.28
CA THR A 405 2.41 -1.85 -7.66
C THR A 405 3.54 -1.26 -8.54
N VAL A 406 4.10 -0.14 -8.08
CA VAL A 406 5.16 0.54 -8.76
C VAL A 406 6.25 0.91 -7.80
N ILE A 407 7.51 0.96 -8.27
CA ILE A 407 8.65 1.32 -7.46
C ILE A 407 9.54 2.15 -8.33
N GLY A 408 9.99 3.26 -7.81
CA GLY A 408 10.98 4.05 -8.52
C GLY A 408 11.29 5.39 -7.94
N GLN A 409 12.43 5.92 -8.34
CA GLN A 409 12.91 7.21 -7.84
CA GLN A 409 12.88 7.21 -7.83
C GLN A 409 11.87 8.30 -8.16
N LYS A 410 11.24 8.25 -9.33
CA LYS A 410 10.25 9.25 -9.67
C LYS A 410 8.94 9.13 -8.86
N VAL A 411 8.63 7.95 -8.36
CA VAL A 411 7.51 7.78 -7.52
C VAL A 411 7.74 8.47 -6.20
N ASN A 412 8.90 8.19 -5.59
CA ASN A 412 9.32 8.85 -4.38
C ASN A 412 9.41 10.39 -4.57
N LEU A 413 9.98 10.82 -5.69
CA LEU A 413 10.04 12.27 -5.96
C LEU A 413 8.63 12.89 -6.02
N ALA A 414 7.71 12.35 -6.83
CA ALA A 414 6.36 12.89 -6.82
C ALA A 414 5.77 13.00 -5.42
N ALA A 415 5.99 11.95 -4.60
CA ALA A 415 5.43 11.90 -3.23
C ALA A 415 6.07 13.03 -2.32
N ARG A 416 7.37 13.23 -2.44
CA ARG A 416 8.09 14.28 -1.73
C ARG A 416 7.68 15.70 -2.15
N MET A 417 7.55 15.91 -3.46
CA MET A 417 7.00 17.18 -4.03
C MET A 417 5.68 17.54 -3.44
N MET A 418 4.76 16.59 -3.42
CA MET A 418 3.42 16.87 -2.91
C MET A 418 3.39 17.23 -1.42
N MET A 419 4.36 16.74 -0.65
CA MET A 419 4.42 17.01 0.76
C MET A 419 5.20 18.31 1.03
N TYR A 420 6.28 18.57 0.27
CA TYR A 420 7.14 19.73 0.49
C TYR A 420 6.63 20.98 -0.19
N TYR A 421 5.76 20.87 -1.16
CA TYR A 421 5.20 22.00 -1.89
C TYR A 421 3.72 21.91 -1.82
N PRO A 422 3.16 22.07 -0.62
CA PRO A 422 1.73 21.92 -0.43
C PRO A 422 0.89 22.99 -1.07
N GLY A 423 -0.35 22.68 -1.37
CA GLY A 423 -1.28 23.59 -1.96
C GLY A 423 -1.11 23.99 -3.40
N ILE A 424 -0.13 23.42 -4.11
CA ILE A 424 0.03 23.71 -5.52
C ILE A 424 0.24 22.39 -6.31
N VAL A 425 0.25 22.51 -7.63
CA VAL A 425 0.63 21.41 -8.55
C VAL A 425 2.07 21.62 -8.92
N THR A 426 2.92 20.65 -8.64
CA THR A 426 4.36 20.74 -8.98
C THR A 426 4.78 19.67 -10.01
N CYS A 427 5.86 19.92 -10.72
CA CYS A 427 6.35 19.00 -11.73
C CYS A 427 7.85 19.00 -11.79
N ASP A 428 8.43 17.92 -12.34
CA ASP A 428 9.88 17.79 -12.38
C ASP A 428 10.36 18.34 -13.77
N SER A 429 11.64 18.32 -14.02
CA SER A 429 12.19 18.86 -15.29
C SER A 429 11.82 18.09 -16.50
N VAL A 430 11.81 16.76 -16.37
CA VAL A 430 11.47 15.92 -17.49
C VAL A 430 10.12 16.33 -17.95
N THR A 431 9.18 16.49 -16.99
CA THR A 431 7.79 16.75 -17.38
C THR A 431 7.66 18.14 -18.03
N TYR A 432 8.31 19.08 -17.41
CA TYR A 432 8.39 20.49 -17.86
C TYR A 432 8.88 20.61 -19.32
N ASN A 433 10.08 20.07 -19.58
CA ASN A 433 10.74 20.21 -20.89
C ASN A 433 10.04 19.41 -21.93
N GLY A 434 9.53 18.27 -21.50
CA GLY A 434 8.81 17.40 -22.38
C GLY A 434 7.39 17.82 -22.68
N SER A 435 6.73 18.64 -21.87
CA SER A 435 5.34 19.00 -22.22
C SER A 435 5.28 19.86 -23.51
N ASN A 436 4.13 19.87 -24.19
CA ASN A 436 3.86 20.84 -25.28
C ASN A 436 4.06 22.30 -24.86
N LEU A 437 3.82 22.54 -23.58
CA LEU A 437 3.32 23.79 -23.11
C LEU A 437 4.41 24.86 -23.06
N PRO A 438 4.03 26.14 -23.21
CA PRO A 438 4.98 27.25 -23.11
C PRO A 438 5.46 27.52 -21.68
N ALA A 439 6.61 28.14 -21.58
CA ALA A 439 7.27 28.33 -20.30
C ALA A 439 6.49 29.14 -19.26
N TYR A 440 5.64 30.07 -19.69
CA TYR A 440 4.95 30.92 -18.69
C TYR A 440 3.75 30.19 -18.07
N PHE A 441 3.45 29.00 -18.54
CA PHE A 441 2.46 28.15 -17.81
C PHE A 441 3.03 27.67 -16.47
N PHE A 442 4.32 27.88 -16.27
CA PHE A 442 5.08 27.34 -15.16
C PHE A 442 5.70 28.44 -14.34
N LYS A 443 6.11 28.08 -13.14
CA LYS A 443 7.02 28.85 -12.38
C LYS A 443 8.12 27.97 -11.82
N GLU A 444 9.37 28.36 -12.04
CA GLU A 444 10.53 27.71 -11.42
C GLU A 444 10.57 27.96 -9.91
N LEU A 445 10.72 26.90 -9.12
CA LEU A 445 10.58 26.96 -7.68
C LEU A 445 11.91 26.97 -6.97
N PRO A 446 11.99 27.55 -5.76
CA PRO A 446 13.17 27.33 -4.92
C PRO A 446 13.45 25.82 -4.64
N LYS A 447 14.71 25.44 -4.63
CA LYS A 447 15.12 24.02 -4.50
C LYS A 447 15.09 23.70 -3.01
N LYS A 448 14.15 22.88 -2.56
CA LYS A 448 14.14 22.42 -1.15
C LYS A 448 14.97 21.14 -0.95
N VAL A 449 15.77 21.06 0.12
CA VAL A 449 16.46 19.79 0.44
C VAL A 449 15.38 18.82 0.96
N MET A 450 15.16 17.73 0.22
CA MET A 450 14.02 16.84 0.46
C MET A 450 14.53 15.51 1.01
N LYS A 451 13.98 15.09 2.17
CA LYS A 451 14.48 13.91 2.92
C LYS A 451 14.33 12.62 2.10
N GLY A 452 15.45 11.93 1.90
CA GLY A 452 15.53 10.78 1.01
C GLY A 452 15.51 11.11 -0.48
N VAL A 453 16.01 12.29 -0.87
CA VAL A 453 16.07 12.72 -2.27
C VAL A 453 17.28 13.65 -2.48
N ALA A 454 18.21 13.22 -3.33
CA ALA A 454 19.30 14.08 -3.83
C ALA A 454 19.37 14.03 -5.36
N ASP A 455 20.09 15.00 -5.93
CA ASP A 455 20.26 15.13 -7.38
C ASP A 455 18.93 15.45 -8.10
N SER A 456 17.94 15.96 -7.37
CA SER A 456 16.51 16.02 -7.83
C SER A 456 16.22 16.91 -9.06
N GLY A 457 17.09 17.88 -9.36
CA GLY A 457 17.00 18.74 -10.56
C GLY A 457 15.96 19.83 -10.36
N PRO A 458 15.81 20.73 -11.35
CA PRO A 458 14.91 21.87 -11.13
C PRO A 458 13.45 21.43 -11.03
N LEU A 459 12.70 21.99 -10.09
CA LEU A 459 11.27 21.74 -9.93
C LEU A 459 10.49 23.00 -10.29
N TYR A 460 9.26 22.79 -10.73
CA TYR A 460 8.37 23.78 -11.26
C TYR A 460 7.00 23.65 -10.62
N GLN A 461 6.36 24.77 -10.50
CA GLN A 461 4.97 24.82 -10.24
C GLN A 461 4.27 24.89 -11.55
N TYR A 462 3.22 24.11 -11.74
CA TYR A 462 2.39 24.24 -12.91
C TYR A 462 1.36 25.31 -12.55
N TRP A 463 1.57 26.52 -13.09
CA TRP A 463 0.75 27.69 -12.81
C TRP A 463 -0.60 27.63 -13.55
N GLY A 464 -0.60 27.17 -14.81
CA GLY A 464 -1.79 27.08 -15.59
C GLY A 464 -1.74 28.11 -16.70
N ARG A 465 -2.78 28.16 -17.53
CA ARG A 465 -2.80 29.09 -18.69
C ARG A 465 -2.88 30.56 -18.30
N THR A 466 -3.13 30.82 -17.01
CA THR A 466 -3.72 32.05 -16.54
C THR A 466 -2.94 32.53 -15.29
#